data_8XKE
#
_entry.id   8XKE
#
_cell.length_a   53.170
_cell.length_b   67.250
_cell.length_c   122.470
_cell.angle_alpha   90.000
_cell.angle_beta   90.000
_cell.angle_gamma   90.000
#
_symmetry.space_group_name_H-M   'P 21 21 21'
#
loop_
_entity.id
_entity.type
_entity.pdbx_description
1 polymer 'HLA class I heavy chain'
2 polymer Beta-2-microglobulin
3 polymer GLU-VAL-ASP-ASN-ALA-THR-ARG-PHE-ALA-SER-VAL-TYR
4 water water
#
loop_
_entity_poly.entity_id
_entity_poly.type
_entity_poly.pdbx_seq_one_letter_code
_entity_poly.pdbx_strand_id
1 'polypeptide(L)'
;GSHSMRYFFTSVSRPGRGEPRFIAVGYVDDTQFVRFDSDAASQKMEPRAPWIEQEGPEYWDQETRNMKAHSQTDRANLGT
LRGYYNQSEDGSHTIQIMYGCDVGPDGRFLRGYRQDAYDGKDYIALNEDLRSWTAADMAAQITKRKWEAVHAAEQRRVYL
EGRCVDGLRRYLENGKETLQRTDPPKTHMTHHPISDHEATLRCWALGFYPAEITLTWQRDGEDQTQDTELVETRPAGDGT
FQKWAAVVVPSGEEQRYTCHVQHEGLPKPLTLRW
;
A
2 'polypeptide(L)'
;MIQRTPKIQVYSRHPAENGKSNFLNCYVSGFHPSDIEVDLLKNGERIEKVEHSDLSFSKDWSFYLLYYTEFTPTEKDEYA
CRVNHVTLSQPKIVKWDRDM
;
B
3 'polypeptide(L)' EVDNATRFASVY M
#
# COMPACT_ATOMS: atom_id res chain seq x y z
N GLY A 1 12.58 3.45 17.17
CA GLY A 1 13.30 3.43 15.90
C GLY A 1 13.10 4.70 15.10
N SER A 2 13.35 4.61 13.79
CA SER A 2 13.09 5.70 12.87
C SER A 2 11.63 5.65 12.43
N HIS A 3 11.13 6.77 11.89
CA HIS A 3 9.71 6.86 11.53
C HIS A 3 9.56 7.63 10.23
N SER A 4 8.39 7.46 9.60
CA SER A 4 8.15 8.08 8.30
C SER A 4 6.70 8.53 8.21
N MET A 5 6.47 9.65 7.51
CA MET A 5 5.13 10.06 7.12
C MET A 5 5.08 10.10 5.60
N ARG A 6 3.99 9.57 5.02
CA ARG A 6 3.84 9.56 3.58
C ARG A 6 2.41 9.90 3.23
N TYR A 7 2.25 10.75 2.22
CA TYR A 7 0.95 10.99 1.61
C TYR A 7 0.97 10.46 0.19
N PHE A 8 -0.12 9.79 -0.21
CA PHE A 8 -0.29 9.23 -1.54
C PHE A 8 -1.55 9.82 -2.15
N PHE A 9 -1.45 10.35 -3.37
CA PHE A 9 -2.56 11.04 -4.02
C PHE A 9 -2.77 10.46 -5.41
N THR A 10 -4.03 10.13 -5.74
CA THR A 10 -4.34 9.56 -7.04
C THR A 10 -5.50 10.35 -7.64
N SER A 11 -5.30 10.90 -8.83
CA SER A 11 -6.36 11.53 -9.61
C SER A 11 -6.51 10.76 -10.92
N VAL A 12 -7.76 10.37 -11.24
CA VAL A 12 -8.05 9.56 -12.41
C VAL A 12 -9.16 10.27 -13.18
N SER A 13 -8.87 10.68 -14.41
CA SER A 13 -9.88 11.35 -15.22
C SER A 13 -10.84 10.30 -15.75
N ARG A 14 -12.12 10.63 -15.76
CA ARG A 14 -13.13 9.70 -16.26
C ARG A 14 -13.95 10.52 -17.23
N PRO A 15 -13.60 10.51 -18.52
CA PRO A 15 -14.20 11.47 -19.46
C PRO A 15 -15.64 11.10 -19.80
N GLY A 16 -16.47 12.13 -19.98
CA GLY A 16 -17.90 11.98 -20.06
C GLY A 16 -18.54 11.50 -18.78
N ARG A 17 -17.73 11.16 -17.79
CA ARG A 17 -18.19 10.66 -16.51
C ARG A 17 -18.28 11.89 -15.62
N GLY A 18 -18.14 11.73 -14.32
CA GLY A 18 -18.04 12.93 -13.48
C GLY A 18 -16.71 13.67 -13.64
N GLU A 19 -16.41 14.53 -12.67
CA GLU A 19 -15.09 15.13 -12.51
C GLU A 19 -14.07 14.01 -12.26
N PRO A 20 -12.76 14.27 -12.34
CA PRO A 20 -11.78 13.21 -12.02
C PRO A 20 -11.99 12.66 -10.62
N ARG A 21 -11.78 11.35 -10.48
CA ARG A 21 -11.80 10.75 -9.16
C ARG A 21 -10.50 11.06 -8.42
N PHE A 22 -10.60 11.48 -7.16
CA PHE A 22 -9.44 11.87 -6.36
C PHE A 22 -9.49 11.17 -5.01
N ILE A 23 -8.44 10.41 -4.71
CA ILE A 23 -8.28 9.68 -3.44
C ILE A 23 -6.92 10.04 -2.86
N ALA A 24 -6.88 10.40 -1.58
CA ALA A 24 -5.66 10.75 -0.88
C ALA A 24 -5.61 9.94 0.40
N VAL A 25 -4.44 9.38 0.72
CA VAL A 25 -4.27 8.69 1.98
C VAL A 25 -2.97 9.17 2.60
N GLY A 26 -2.94 9.22 3.91
CA GLY A 26 -1.73 9.52 4.66
C GLY A 26 -1.38 8.37 5.59
N TYR A 27 -0.09 8.09 5.70
CA TYR A 27 0.43 7.07 6.61
C TYR A 27 1.49 7.66 7.52
N VAL A 28 1.58 7.12 8.72
CA VAL A 28 2.80 7.16 9.52
C VAL A 28 3.27 5.71 9.62
N ASP A 29 4.51 5.46 9.16
CA ASP A 29 5.03 4.09 9.00
C ASP A 29 4.00 3.29 8.21
N ASP A 30 3.57 2.11 8.68
CA ASP A 30 2.59 1.30 7.96
C ASP A 30 1.17 1.49 8.46
N THR A 31 0.90 2.57 9.18
CA THR A 31 -0.42 2.84 9.77
C THR A 31 -1.09 3.98 9.02
N GLN A 32 -2.21 3.70 8.36
CA GLN A 32 -2.99 4.77 7.73
C GLN A 32 -3.67 5.61 8.81
N PHE A 33 -3.74 6.92 8.59
CA PHE A 33 -4.37 7.74 9.62
C PHE A 33 -5.33 8.80 9.10
N VAL A 34 -5.37 9.08 7.79
CA VAL A 34 -6.35 9.99 7.22
C VAL A 34 -6.66 9.50 5.82
N ARG A 35 -7.81 9.92 5.31
CA ARG A 35 -8.14 9.69 3.92
C ARG A 35 -9.01 10.85 3.44
N PHE A 36 -8.96 11.10 2.13
CA PHE A 36 -9.93 11.94 1.44
C PHE A 36 -10.35 11.22 0.16
N ASP A 37 -11.66 11.05 -0.03
CA ASP A 37 -12.18 10.33 -1.19
C ASP A 37 -13.34 11.13 -1.77
N SER A 38 -13.15 11.68 -2.98
CA SER A 38 -14.17 12.52 -3.61
C SER A 38 -15.44 11.73 -3.96
N ASP A 39 -15.37 10.41 -4.04
CA ASP A 39 -16.57 9.62 -4.28
C ASP A 39 -17.26 9.22 -2.98
N ALA A 40 -16.77 9.72 -1.85
CA ALA A 40 -17.41 9.52 -0.57
C ALA A 40 -18.35 10.69 -0.27
N ALA A 41 -19.33 10.42 0.60
CA ALA A 41 -20.32 11.44 0.97
C ALA A 41 -19.69 12.61 1.70
N SER A 42 -18.59 12.36 2.42
CA SER A 42 -18.07 13.33 3.39
C SER A 42 -17.66 14.64 2.73
N GLN A 43 -16.93 14.55 1.61
CA GLN A 43 -16.23 15.70 1.01
C GLN A 43 -15.29 16.40 2.00
N LYS A 44 -14.85 15.68 3.04
CA LYS A 44 -13.92 16.18 4.03
C LYS A 44 -12.81 15.15 4.29
N MET A 45 -11.69 15.67 4.77
CA MET A 45 -10.65 14.83 5.34
C MET A 45 -11.18 14.07 6.54
N GLU A 46 -11.03 12.74 6.51
CA GLU A 46 -11.64 11.85 7.48
C GLU A 46 -10.57 11.08 8.23
N PRO A 47 -10.75 10.85 9.53
CA PRO A 47 -9.77 10.10 10.30
C PRO A 47 -9.80 8.63 9.94
N ARG A 48 -8.64 7.98 10.08
CA ARG A 48 -8.53 6.53 9.91
C ARG A 48 -7.68 5.88 10.98
N ALA A 49 -7.22 6.63 11.98
CA ALA A 49 -6.58 6.12 13.18
C ALA A 49 -7.08 6.96 14.35
N PRO A 50 -7.18 6.37 15.54
CA PRO A 50 -7.83 7.10 16.65
C PRO A 50 -7.04 8.31 17.12
N TRP A 51 -5.71 8.22 17.14
CA TRP A 51 -4.92 9.31 17.73
C TRP A 51 -4.97 10.60 16.91
N ILE A 52 -5.49 10.56 15.68
CA ILE A 52 -5.63 11.80 14.92
C ILE A 52 -6.95 12.50 15.23
N GLU A 53 -7.87 11.83 15.89
CA GLU A 53 -9.15 12.43 16.24
C GLU A 53 -9.00 13.53 17.29
N GLN A 54 -7.94 13.49 18.08
CA GLN A 54 -7.70 14.57 19.04
C GLN A 54 -7.24 15.87 18.37
N GLU A 55 -7.11 15.89 17.05
CA GLU A 55 -6.83 17.15 16.35
C GLU A 55 -8.10 18.00 16.31
N GLY A 56 -7.95 19.28 16.58
CA GLY A 56 -9.07 20.19 16.68
C GLY A 56 -9.63 20.57 15.32
N PRO A 57 -10.80 21.23 15.36
CA PRO A 57 -11.52 21.53 14.11
C PRO A 57 -10.74 22.38 13.12
N GLU A 58 -9.83 23.24 13.61
CA GLU A 58 -8.98 24.01 12.69
C GLU A 58 -8.05 23.11 11.89
N TYR A 59 -7.62 21.99 12.48
CA TYR A 59 -6.81 21.04 11.74
C TYR A 59 -7.61 20.42 10.60
N TRP A 60 -8.81 19.92 10.92
CA TRP A 60 -9.63 19.27 9.90
C TRP A 60 -10.10 20.24 8.82
N ASP A 61 -10.26 21.53 9.15
CA ASP A 61 -10.62 22.50 8.11
C ASP A 61 -9.43 22.86 7.23
N GLN A 62 -8.22 22.92 7.79
CA GLN A 62 -7.04 23.16 6.97
C GLN A 62 -6.71 21.96 6.08
N GLU A 63 -6.65 20.74 6.65
CA GLU A 63 -6.38 19.57 5.80
C GLU A 63 -7.46 19.38 4.74
N THR A 64 -8.72 19.68 5.07
CA THR A 64 -9.77 19.54 4.05
C THR A 64 -9.61 20.58 2.95
N ARG A 65 -9.35 21.83 3.32
CA ARG A 65 -9.09 22.87 2.33
C ARG A 65 -7.93 22.47 1.42
N ASN A 66 -6.85 21.98 2.02
CA ASN A 66 -5.68 21.60 1.24
C ASN A 66 -5.96 20.41 0.33
N MET A 67 -6.79 19.45 0.77
CA MET A 67 -7.07 18.30 -0.08
C MET A 67 -7.91 18.70 -1.28
N LYS A 68 -8.94 19.53 -1.06
CA LYS A 68 -9.69 20.08 -2.18
C LYS A 68 -8.78 20.82 -3.14
N ALA A 69 -7.87 21.66 -2.62
CA ALA A 69 -6.94 22.37 -3.48
C ALA A 69 -6.08 21.40 -4.29
N HIS A 70 -5.60 20.33 -3.67
CA HIS A 70 -4.81 19.34 -4.40
C HIS A 70 -5.63 18.72 -5.53
N SER A 71 -6.90 18.40 -5.24
CA SER A 71 -7.82 17.90 -6.25
C SER A 71 -7.93 18.83 -7.45
N GLN A 72 -8.09 20.13 -7.18
CA GLN A 72 -8.27 21.13 -8.25
C GLN A 72 -7.02 21.25 -9.10
N THR A 73 -5.86 21.29 -8.45
CA THR A 73 -4.61 21.41 -9.20
C THR A 73 -4.38 20.19 -10.07
N ASP A 74 -4.69 18.98 -9.55
CA ASP A 74 -4.62 17.77 -10.36
C ASP A 74 -5.54 17.84 -11.57
N ARG A 75 -6.76 18.31 -11.37
CA ARG A 75 -7.69 18.43 -12.49
C ARG A 75 -7.09 19.25 -13.63
N ALA A 76 -6.53 20.41 -13.27
CA ALA A 76 -5.89 21.28 -14.26
C ALA A 76 -4.69 20.59 -14.90
N ASN A 77 -3.83 19.98 -14.08
CA ASN A 77 -2.65 19.30 -14.60
C ASN A 77 -3.00 18.15 -15.53
N LEU A 78 -4.12 17.46 -15.28
CA LEU A 78 -4.57 16.43 -16.21
C LEU A 78 -4.76 17.00 -17.61
N GLY A 79 -5.41 18.15 -17.72
CA GLY A 79 -5.55 18.78 -19.02
C GLY A 79 -4.23 19.26 -19.60
N THR A 80 -3.37 19.83 -18.76
CA THR A 80 -2.05 20.24 -19.22
C THR A 80 -1.28 19.07 -19.82
N LEU A 81 -1.22 17.95 -19.10
CA LEU A 81 -0.41 16.85 -19.60
C LEU A 81 -1.04 16.25 -20.86
N ARG A 82 -2.37 16.23 -20.94
CA ARG A 82 -3.02 15.79 -22.17
C ARG A 82 -2.55 16.62 -23.35
N GLY A 83 -2.33 17.92 -23.14
CA GLY A 83 -1.82 18.76 -24.20
C GLY A 83 -0.36 18.52 -24.52
N TYR A 84 0.48 18.33 -23.48
CA TYR A 84 1.90 18.06 -23.72
C TYR A 84 2.09 16.82 -24.58
N TYR A 85 1.27 15.79 -24.33
CA TYR A 85 1.41 14.50 -25.00
C TYR A 85 0.48 14.34 -26.20
N ASN A 86 -0.40 15.33 -26.45
CA ASN A 86 -1.31 15.30 -27.60
C ASN A 86 -2.19 14.06 -27.57
N GLN A 87 -2.68 13.74 -26.38
CA GLN A 87 -3.60 12.62 -26.17
C GLN A 87 -5.04 13.09 -26.31
N SER A 88 -5.89 12.18 -26.78
CA SER A 88 -7.27 12.59 -27.00
C SER A 88 -8.01 12.70 -25.68
N GLU A 89 -9.04 13.54 -25.69
CA GLU A 89 -9.90 13.81 -24.55
C GLU A 89 -10.68 12.60 -24.07
N ASP A 90 -10.74 11.53 -24.87
CA ASP A 90 -11.63 10.42 -24.55
C ASP A 90 -11.00 9.38 -23.62
N GLY A 91 -9.67 9.39 -23.49
CA GLY A 91 -9.00 8.38 -22.69
C GLY A 91 -8.83 8.83 -21.25
N SER A 92 -8.83 7.84 -20.34
CA SER A 92 -8.65 8.08 -18.92
C SER A 92 -7.16 8.10 -18.59
N HIS A 93 -6.75 9.01 -17.71
CA HIS A 93 -5.35 9.19 -17.39
C HIS A 93 -5.22 9.42 -15.90
N THR A 94 -4.01 9.16 -15.37
CA THR A 94 -3.80 9.12 -13.94
C THR A 94 -2.61 9.99 -13.57
N ILE A 95 -2.78 10.83 -12.57
CA ILE A 95 -1.65 11.47 -11.91
C ILE A 95 -1.53 10.86 -10.54
N GLN A 96 -0.31 10.50 -10.15
CA GLN A 96 -0.05 10.05 -8.79
C GLN A 96 1.09 10.87 -8.20
N ILE A 97 0.97 11.20 -6.93
CA ILE A 97 1.97 11.99 -6.22
C ILE A 97 2.22 11.32 -4.88
N MET A 98 3.50 11.18 -4.53
CA MET A 98 3.93 10.75 -3.22
C MET A 98 4.83 11.83 -2.63
N TYR A 99 4.61 12.16 -1.35
CA TYR A 99 5.61 12.96 -0.66
C TYR A 99 5.58 12.66 0.83
N GLY A 100 6.68 13.00 1.49
CA GLY A 100 6.74 12.85 2.92
C GLY A 100 8.17 12.92 3.43
N CYS A 101 8.31 12.61 4.71
CA CYS A 101 9.59 12.82 5.39
C CYS A 101 9.86 11.67 6.35
N ASP A 102 11.14 11.47 6.62
CA ASP A 102 11.62 10.50 7.60
C ASP A 102 12.36 11.23 8.73
N VAL A 103 12.18 10.76 9.96
CA VAL A 103 13.02 11.17 11.08
C VAL A 103 13.68 9.94 11.67
N GLY A 104 14.79 10.16 12.38
CA GLY A 104 15.47 9.09 13.06
C GLY A 104 14.97 8.96 14.49
N PRO A 105 15.62 8.10 15.29
CA PRO A 105 15.23 7.98 16.70
C PRO A 105 15.38 9.29 17.47
N ASP A 106 16.23 10.20 17.01
CA ASP A 106 16.37 11.49 17.65
C ASP A 106 15.34 12.53 17.18
N GLY A 107 14.42 12.15 16.29
CA GLY A 107 13.39 13.08 15.85
C GLY A 107 13.84 14.10 14.82
N ARG A 108 15.10 14.03 14.39
CA ARG A 108 15.64 14.95 13.40
C ARG A 108 15.32 14.46 12.00
N PHE A 109 15.01 15.40 11.09
CA PHE A 109 14.87 15.12 9.67
C PHE A 109 16.01 14.26 9.14
N LEU A 110 15.66 13.22 8.38
CA LEU A 110 16.62 12.27 7.82
C LEU A 110 16.53 12.13 6.31
N ARG A 111 15.31 12.09 5.76
CA ARG A 111 15.06 12.03 4.33
C ARG A 111 13.74 12.76 4.05
N GLY A 112 13.66 13.36 2.87
CA GLY A 112 12.41 13.90 2.37
C GLY A 112 12.22 13.53 0.91
N TYR A 113 10.95 13.47 0.50
CA TYR A 113 10.60 12.97 -0.85
C TYR A 113 9.44 13.78 -1.42
N ARG A 114 9.44 13.92 -2.74
CA ARG A 114 8.32 14.45 -3.51
C ARG A 114 8.50 13.92 -4.92
N GLN A 115 7.61 13.01 -5.35
CA GLN A 115 7.69 12.45 -6.68
C GLN A 115 6.30 12.39 -7.30
N ASP A 116 6.25 12.63 -8.60
CA ASP A 116 5.03 12.76 -9.36
C ASP A 116 5.12 11.79 -10.53
N ALA A 117 3.99 11.12 -10.85
CA ALA A 117 3.91 10.13 -11.90
C ALA A 117 2.70 10.37 -12.79
N TYR A 118 2.84 10.01 -14.05
CA TYR A 118 1.77 10.16 -15.01
C TYR A 118 1.58 8.81 -15.67
N ASP A 119 0.33 8.33 -15.65
CA ASP A 119 -0.03 7.05 -16.27
C ASP A 119 0.93 5.95 -15.84
N GLY A 120 1.22 5.91 -14.53
CA GLY A 120 1.96 4.81 -13.93
C GLY A 120 3.46 4.82 -14.11
N LYS A 121 4.03 5.91 -14.61
CA LYS A 121 5.47 6.01 -14.82
C LYS A 121 5.96 7.30 -14.17
N ASP A 122 7.22 7.30 -13.73
CA ASP A 122 7.86 8.52 -13.25
C ASP A 122 7.53 9.67 -14.19
N TYR A 123 7.18 10.82 -13.62
CA TYR A 123 7.04 12.05 -14.40
C TYR A 123 8.10 13.05 -13.99
N ILE A 124 8.04 13.57 -12.77
CA ILE A 124 9.09 14.44 -12.26
C ILE A 124 9.27 14.12 -10.79
N ALA A 125 10.52 14.24 -10.32
CA ALA A 125 10.83 13.90 -8.94
C ALA A 125 11.81 14.90 -8.35
N LEU A 126 11.62 15.23 -7.08
CA LEU A 126 12.65 15.95 -6.35
C LEU A 126 13.81 15.00 -6.05
N ASN A 127 15.04 15.46 -6.25
CA ASN A 127 16.22 14.64 -5.99
C ASN A 127 16.55 14.63 -4.51
N GLU A 128 17.45 13.70 -4.08
CA GLU A 128 17.70 13.66 -2.65
C GLU A 128 18.37 14.94 -2.17
N ASP A 129 18.97 15.73 -3.06
CA ASP A 129 19.56 16.98 -2.62
C ASP A 129 18.51 18.03 -2.23
N LEU A 130 17.23 17.76 -2.48
CA LEU A 130 16.10 18.66 -2.17
C LEU A 130 16.27 20.03 -2.82
N ARG A 131 17.05 20.09 -3.90
CA ARG A 131 17.31 21.34 -4.62
C ARG A 131 17.10 21.23 -6.12
N SER A 132 17.06 20.03 -6.70
CA SER A 132 16.99 19.88 -8.15
C SER A 132 15.98 18.80 -8.50
N TRP A 133 15.61 18.75 -9.78
CA TRP A 133 14.55 17.90 -10.27
C TRP A 133 15.09 16.91 -11.30
N THR A 134 14.54 15.70 -11.28
CA THR A 134 14.76 14.74 -12.36
C THR A 134 13.47 14.66 -13.18
N ALA A 135 13.57 14.95 -14.48
CA ALA A 135 12.45 14.84 -15.41
C ALA A 135 12.59 13.55 -16.21
N ALA A 136 11.53 12.74 -16.23
CA ALA A 136 11.60 11.39 -16.80
C ALA A 136 11.53 11.38 -18.32
N ASP A 137 10.95 12.40 -18.95
CA ASP A 137 10.79 12.41 -20.41
C ASP A 137 10.76 13.85 -20.91
N MET A 138 10.50 14.01 -22.21
CA MET A 138 10.43 15.34 -22.83
C MET A 138 9.33 16.22 -22.23
N ALA A 139 8.17 15.64 -21.94
CA ALA A 139 7.09 16.45 -21.38
C ALA A 139 7.45 16.98 -20.01
N ALA A 140 8.04 16.13 -19.16
CA ALA A 140 8.41 16.57 -17.82
C ALA A 140 9.51 17.61 -17.86
N GLN A 141 10.33 17.63 -18.91
CA GLN A 141 11.28 18.72 -19.05
C GLN A 141 10.56 20.07 -19.13
N ILE A 142 9.37 20.10 -19.72
CA ILE A 142 8.61 21.36 -19.75
C ILE A 142 8.29 21.80 -18.32
N THR A 143 7.74 20.87 -17.53
CA THR A 143 7.43 21.14 -16.14
C THR A 143 8.68 21.53 -15.35
N LYS A 144 9.81 20.86 -15.61
CA LYS A 144 11.04 21.13 -14.88
C LYS A 144 11.49 22.57 -15.09
N ARG A 145 11.44 23.04 -16.34
CA ARG A 145 11.75 24.44 -16.61
C ARG A 145 10.84 25.38 -15.83
N LYS A 146 9.55 25.07 -15.73
CA LYS A 146 8.66 25.95 -14.98
C LYS A 146 9.02 25.95 -13.51
N TRP A 147 9.25 24.76 -12.94
CA TRP A 147 9.47 24.63 -11.51
C TRP A 147 10.82 25.21 -11.10
N GLU A 148 11.80 25.16 -12.00
CA GLU A 148 13.06 25.87 -11.79
C GLU A 148 12.84 27.38 -11.79
N ALA A 149 11.98 27.87 -12.69
CA ALA A 149 11.72 29.30 -12.75
C ALA A 149 10.94 29.79 -11.54
N VAL A 150 10.11 28.94 -10.94
CA VAL A 150 9.24 29.39 -9.86
C VAL A 150 9.76 28.95 -8.50
N HIS A 151 10.95 28.36 -8.45
CA HIS A 151 11.64 28.07 -7.20
C HIS A 151 10.84 27.03 -6.40
N ALA A 152 10.33 26.04 -7.13
CA ALA A 152 9.51 25.01 -6.49
C ALA A 152 10.32 24.15 -5.53
N ALA A 153 11.58 23.87 -5.86
CA ALA A 153 12.33 22.95 -5.01
C ALA A 153 12.50 23.53 -3.61
N GLU A 154 12.72 24.84 -3.52
CA GLU A 154 12.90 25.48 -2.21
C GLU A 154 11.62 25.41 -1.41
N GLN A 155 10.47 25.65 -2.06
CA GLN A 155 9.19 25.50 -1.37
C GLN A 155 8.97 24.08 -0.88
N ARG A 156 9.29 23.08 -1.70
CA ARG A 156 9.13 21.70 -1.25
C ARG A 156 10.08 21.38 -0.10
N ARG A 157 11.33 21.84 -0.20
CA ARG A 157 12.29 21.61 0.88
C ARG A 157 11.78 22.18 2.20
N VAL A 158 11.25 23.40 2.15
CA VAL A 158 10.71 24.03 3.36
C VAL A 158 9.61 23.17 3.97
N TYR A 159 8.75 22.58 3.13
CA TYR A 159 7.67 21.77 3.68
C TYR A 159 8.23 20.49 4.28
N LEU A 160 9.10 19.81 3.53
CA LEU A 160 9.65 18.54 3.97
C LEU A 160 10.44 18.67 5.26
N GLU A 161 11.27 19.72 5.38
CA GLU A 161 12.04 19.87 6.60
C GLU A 161 11.26 20.57 7.70
N GLY A 162 10.12 21.16 7.35
CA GLY A 162 9.39 21.97 8.31
C GLY A 162 8.13 21.30 8.80
N ARG A 163 7.01 21.69 8.20
CA ARG A 163 5.71 21.22 8.68
C ARG A 163 5.56 19.70 8.56
N CYS A 164 6.17 19.08 7.55
CA CYS A 164 6.13 17.61 7.49
C CYS A 164 6.73 17.01 8.75
N VAL A 165 7.91 17.49 9.17
CA VAL A 165 8.54 16.96 10.37
C VAL A 165 7.74 17.32 11.61
N ASP A 166 7.25 18.57 11.69
CA ASP A 166 6.47 19.00 12.86
C ASP A 166 5.24 18.11 13.06
N GLY A 167 4.54 17.82 11.97
CA GLY A 167 3.35 16.99 12.08
C GLY A 167 3.69 15.57 12.45
N LEU A 168 4.70 15.00 11.78
CA LEU A 168 5.11 13.63 12.09
C LEU A 168 5.49 13.51 13.55
N ARG A 169 6.27 14.47 14.07
CA ARG A 169 6.69 14.44 15.47
C ARG A 169 5.48 14.48 16.40
N ARG A 170 4.49 15.31 16.07
CA ARG A 170 3.29 15.39 16.90
C ARG A 170 2.50 14.08 16.84
N TYR A 171 2.31 13.52 15.63
CA TYR A 171 1.54 12.30 15.52
C TYR A 171 2.19 11.16 16.29
N LEU A 172 3.51 11.06 16.22
CA LEU A 172 4.23 10.03 16.97
C LEU A 172 3.99 10.17 18.47
N GLU A 173 3.96 11.40 18.99
CA GLU A 173 3.67 11.60 20.40
C GLU A 173 2.22 11.27 20.72
N ASN A 174 1.28 11.84 19.96
CA ASN A 174 -0.13 11.65 20.25
C ASN A 174 -0.57 10.21 20.08
N GLY A 175 0.17 9.43 19.30
CA GLY A 175 -0.17 8.04 19.09
C GLY A 175 0.94 7.12 19.52
N LYS A 176 1.75 7.53 20.50
CA LYS A 176 2.90 6.71 20.91
C LYS A 176 2.46 5.31 21.32
N GLU A 177 1.29 5.20 21.95
CA GLU A 177 0.82 3.90 22.43
C GLU A 177 0.74 2.87 21.31
N THR A 178 0.45 3.31 20.08
CA THR A 178 0.37 2.40 18.94
C THR A 178 1.50 2.59 17.94
N LEU A 179 1.76 3.82 17.48
CA LEU A 179 2.78 4.02 16.44
C LEU A 179 4.16 3.53 16.88
N GLN A 180 4.48 3.66 18.16
CA GLN A 180 5.81 3.31 18.63
C GLN A 180 5.86 1.93 19.27
N ARG A 181 4.94 1.04 18.92
CA ARG A 181 5.02 -0.35 19.34
C ARG A 181 5.50 -1.20 18.16
N THR A 182 6.03 -2.36 18.49
CA THR A 182 6.21 -3.41 17.52
C THR A 182 5.43 -4.61 18.01
N ASP A 183 4.76 -5.30 17.09
CA ASP A 183 4.20 -6.62 17.36
C ASP A 183 5.08 -7.65 16.67
N PRO A 184 5.72 -8.54 17.42
CA PRO A 184 6.55 -9.55 16.80
C PRO A 184 5.71 -10.55 16.04
N PRO A 185 6.25 -11.20 15.00
CA PRO A 185 5.47 -12.20 14.27
C PRO A 185 5.24 -13.43 15.14
N LYS A 186 4.05 -14.00 15.01
CA LYS A 186 3.77 -15.34 15.51
C LYS A 186 4.02 -16.30 14.36
N THR A 187 4.87 -17.29 14.56
CA THR A 187 5.27 -18.16 13.47
C THR A 187 4.58 -19.51 13.59
N HIS A 188 3.93 -19.95 12.51
CA HIS A 188 3.43 -21.30 12.34
C HIS A 188 4.30 -22.03 11.33
N MET A 189 4.29 -23.35 11.38
CA MET A 189 4.96 -24.12 10.35
C MET A 189 4.02 -25.28 10.04
N THR A 190 3.74 -25.51 8.76
CA THR A 190 2.74 -26.50 8.36
C THR A 190 3.29 -27.40 7.28
N HIS A 191 2.84 -28.64 7.30
CA HIS A 191 3.33 -29.73 6.46
C HIS A 191 2.27 -30.11 5.45
N HIS A 192 2.65 -30.20 4.18
CA HIS A 192 1.70 -30.45 3.10
C HIS A 192 2.26 -31.44 2.09
N PRO A 193 1.95 -32.73 2.25
CA PRO A 193 2.47 -33.73 1.32
C PRO A 193 2.04 -33.45 -0.10
N ILE A 194 2.98 -33.64 -1.03
CA ILE A 194 2.70 -33.53 -2.46
C ILE A 194 2.62 -34.89 -3.12
N SER A 195 3.41 -35.86 -2.66
CA SER A 195 3.38 -37.25 -3.11
C SER A 195 3.94 -38.09 -1.99
N ASP A 196 4.11 -39.39 -2.24
CA ASP A 196 4.81 -40.23 -1.28
C ASP A 196 6.23 -39.77 -1.03
N HIS A 197 6.77 -38.90 -1.89
CA HIS A 197 8.20 -38.64 -1.95
C HIS A 197 8.56 -37.18 -1.73
N GLU A 198 7.59 -36.27 -1.72
CA GLU A 198 7.83 -34.84 -1.55
C GLU A 198 6.78 -34.25 -0.63
N ALA A 199 7.13 -33.14 0.01
CA ALA A 199 6.21 -32.40 0.86
C ALA A 199 6.60 -30.92 0.88
N THR A 200 5.58 -30.06 0.87
CA THR A 200 5.78 -28.64 1.11
C THR A 200 5.89 -28.37 2.61
N LEU A 201 6.87 -27.56 2.99
CA LEU A 201 6.98 -27.01 4.33
C LEU A 201 6.70 -25.51 4.20
N ARG A 202 5.65 -25.05 4.87
CA ARG A 202 5.25 -23.64 4.80
C ARG A 202 5.56 -22.98 6.14
N CYS A 203 6.35 -21.91 6.12
CA CYS A 203 6.64 -21.16 7.32
C CYS A 203 5.81 -19.88 7.29
N TRP A 204 5.02 -19.66 8.34
CA TRP A 204 4.10 -18.52 8.43
C TRP A 204 4.62 -17.50 9.43
N ALA A 205 4.45 -16.21 9.10
CA ALA A 205 4.62 -15.14 10.06
C ALA A 205 3.32 -14.34 10.09
N LEU A 206 2.72 -14.20 11.27
CA LEU A 206 1.39 -13.64 11.39
C LEU A 206 1.34 -12.60 12.50
N GLY A 207 0.47 -11.62 12.31
CA GLY A 207 0.22 -10.61 13.33
C GLY A 207 1.39 -9.69 13.62
N PHE A 208 2.18 -9.34 12.61
CA PHE A 208 3.39 -8.58 12.90
C PHE A 208 3.27 -7.14 12.43
N TYR A 209 4.01 -6.26 13.12
CA TYR A 209 3.96 -4.82 12.78
C TYR A 209 5.31 -4.26 13.25
N PRO A 210 6.02 -3.49 12.40
CA PRO A 210 5.62 -2.98 11.06
C PRO A 210 5.72 -4.07 9.99
N ALA A 211 5.50 -3.76 8.71
CA ALA A 211 5.36 -4.81 7.69
C ALA A 211 6.68 -5.42 7.24
N GLU A 212 7.79 -4.72 7.40
CA GLU A 212 9.04 -5.22 6.87
C GLU A 212 9.45 -6.47 7.63
N ILE A 213 9.81 -7.52 6.89
CA ILE A 213 10.13 -8.81 7.49
C ILE A 213 10.92 -9.59 6.44
N THR A 214 11.71 -10.57 6.90
CA THR A 214 12.40 -11.49 6.00
C THR A 214 12.19 -12.93 6.47
N LEU A 215 11.67 -13.76 5.57
CA LEU A 215 11.44 -15.18 5.80
C LEU A 215 12.35 -15.98 4.89
N THR A 216 13.19 -16.84 5.47
CA THR A 216 14.04 -17.72 4.70
C THR A 216 13.97 -19.15 5.22
N TRP A 217 13.83 -20.09 4.31
CA TRP A 217 13.99 -21.49 4.63
C TRP A 217 15.46 -21.86 4.54
N GLN A 218 15.94 -22.63 5.50
CA GLN A 218 17.31 -23.13 5.46
C GLN A 218 17.35 -24.64 5.69
N ARG A 219 18.11 -25.32 4.84
CA ARG A 219 18.38 -26.75 4.93
C ARG A 219 19.75 -26.92 5.57
N ASP A 220 19.78 -27.51 6.77
CA ASP A 220 21.03 -27.72 7.52
C ASP A 220 21.78 -26.41 7.77
N GLY A 221 21.05 -25.29 7.88
CA GLY A 221 21.63 -23.99 8.16
C GLY A 221 21.85 -23.12 6.95
N GLU A 222 21.69 -23.66 5.74
CA GLU A 222 22.04 -22.97 4.50
C GLU A 222 20.78 -22.40 3.86
N ASP A 223 20.72 -21.07 3.76
CA ASP A 223 19.54 -20.34 3.26
C ASP A 223 19.08 -20.84 1.91
N GLN A 224 17.96 -21.58 1.86
CA GLN A 224 17.44 -22.15 0.61
C GLN A 224 17.31 -21.09 -0.47
N THR A 225 16.16 -20.41 -0.52
CA THR A 225 15.86 -19.48 -1.62
C THR A 225 15.80 -20.31 -2.91
N GLN A 226 16.11 -19.71 -4.06
CA GLN A 226 16.02 -20.31 -5.39
C GLN A 226 14.71 -21.07 -5.62
N ASP A 227 14.41 -22.06 -4.77
CA ASP A 227 13.19 -22.86 -4.87
C ASP A 227 12.25 -22.61 -3.70
N THR A 228 12.38 -21.44 -3.06
CA THR A 228 11.49 -21.04 -1.96
C THR A 228 10.42 -20.14 -2.53
N GLU A 229 9.19 -20.65 -2.59
CA GLU A 229 8.07 -19.80 -2.97
C GLU A 229 7.76 -18.82 -1.84
N LEU A 230 7.76 -17.52 -2.17
CA LEU A 230 7.54 -16.46 -1.22
C LEU A 230 6.36 -15.63 -1.71
N VAL A 231 5.39 -15.36 -0.83
CA VAL A 231 4.27 -14.52 -1.23
C VAL A 231 4.51 -13.10 -0.72
N GLU A 232 3.94 -12.14 -1.44
CA GLU A 232 4.05 -10.74 -1.03
C GLU A 232 3.46 -10.57 0.37
N THR A 233 4.08 -9.71 1.16
CA THR A 233 3.56 -9.40 2.49
C THR A 233 2.18 -8.77 2.36
N ARG A 234 1.25 -9.18 3.22
CA ARG A 234 -0.15 -8.82 3.02
C ARG A 234 -0.80 -8.36 4.32
N PRO A 235 -1.75 -7.41 4.23
CA PRO A 235 -2.40 -6.92 5.45
C PRO A 235 -3.41 -7.92 5.99
N ALA A 236 -3.39 -8.11 7.32
CA ALA A 236 -4.43 -8.91 7.94
C ALA A 236 -5.77 -8.18 7.97
N GLY A 237 -5.73 -6.85 8.01
CA GLY A 237 -6.94 -6.04 8.08
C GLY A 237 -7.17 -5.43 9.44
N ASP A 238 -6.36 -5.81 10.42
CA ASP A 238 -6.40 -5.28 11.77
C ASP A 238 -5.17 -4.41 12.07
N GLY A 239 -4.44 -4.01 11.05
CA GLY A 239 -3.24 -3.22 11.27
C GLY A 239 -1.98 -4.05 11.37
N THR A 240 -2.09 -5.38 11.42
CA THR A 240 -0.93 -6.25 11.39
C THR A 240 -0.82 -6.87 10.00
N PHE A 241 0.26 -7.62 9.80
CA PHE A 241 0.64 -8.14 8.49
C PHE A 241 0.97 -9.63 8.60
N GLN A 242 0.97 -10.28 7.44
CA GLN A 242 1.21 -11.70 7.29
C GLN A 242 2.13 -11.93 6.10
N LYS A 243 2.79 -13.09 6.10
CA LYS A 243 3.64 -13.55 5.01
C LYS A 243 3.90 -15.02 5.22
N TRP A 244 4.18 -15.75 4.14
CA TRP A 244 4.69 -17.12 4.30
C TRP A 244 5.70 -17.44 3.21
N ALA A 245 6.60 -18.37 3.56
CA ALA A 245 7.61 -18.94 2.69
C ALA A 245 7.41 -20.44 2.60
N ALA A 246 7.42 -21.00 1.39
CA ALA A 246 7.20 -22.43 1.23
C ALA A 246 8.34 -23.08 0.46
N VAL A 247 8.73 -24.28 0.89
CA VAL A 247 9.82 -25.01 0.28
C VAL A 247 9.41 -26.47 0.09
N VAL A 248 9.58 -26.99 -1.12
CA VAL A 248 9.30 -28.39 -1.42
C VAL A 248 10.51 -29.23 -1.03
N VAL A 249 10.30 -30.25 -0.20
CA VAL A 249 11.40 -31.01 0.38
C VAL A 249 11.22 -32.51 0.13
N PRO A 250 12.31 -33.27 0.00
CA PRO A 250 12.18 -34.71 -0.18
C PRO A 250 11.64 -35.37 1.07
N SER A 251 10.69 -36.29 0.89
CA SER A 251 10.08 -36.91 2.05
C SER A 251 11.12 -37.68 2.85
N GLY A 252 11.12 -37.48 4.17
CA GLY A 252 12.10 -38.03 5.06
C GLY A 252 13.07 -37.01 5.63
N GLU A 253 13.35 -35.93 4.89
CA GLU A 253 14.38 -34.96 5.29
C GLU A 253 13.82 -33.69 5.93
N GLU A 254 12.52 -33.63 6.21
CA GLU A 254 11.92 -32.40 6.71
C GLU A 254 12.63 -31.91 7.98
N GLN A 255 13.10 -32.83 8.83
CA GLN A 255 13.68 -32.45 10.11
C GLN A 255 14.99 -31.67 9.95
N ARG A 256 15.60 -31.71 8.76
CA ARG A 256 16.80 -30.96 8.48
C ARG A 256 16.53 -29.48 8.19
N TYR A 257 15.28 -29.11 7.94
CA TYR A 257 14.98 -27.74 7.54
C TYR A 257 14.59 -26.89 8.74
N THR A 258 14.97 -25.62 8.67
CA THR A 258 14.68 -24.62 9.69
C THR A 258 14.20 -23.36 9.01
N CYS A 259 13.29 -22.65 9.66
CA CYS A 259 12.76 -21.40 9.16
C CYS A 259 13.39 -20.23 9.90
N HIS A 260 13.86 -19.23 9.15
CA HIS A 260 14.54 -18.09 9.74
C HIS A 260 13.67 -16.85 9.61
N VAL A 261 13.42 -16.16 10.73
CA VAL A 261 12.54 -15.00 10.75
C VAL A 261 13.28 -13.81 11.33
N GLN A 262 13.40 -12.74 10.55
CA GLN A 262 13.96 -11.49 11.04
C GLN A 262 12.91 -10.40 10.97
N HIS A 263 12.72 -9.74 12.10
CA HIS A 263 11.71 -8.69 12.21
C HIS A 263 12.13 -7.79 13.35
N GLU A 264 11.83 -6.50 13.20
CA GLU A 264 12.31 -5.49 14.14
C GLU A 264 11.69 -5.65 15.51
N GLY A 265 10.53 -6.27 15.61
CA GLY A 265 9.99 -6.54 16.91
C GLY A 265 10.58 -7.72 17.64
N LEU A 266 11.60 -8.38 17.07
CA LEU A 266 12.25 -9.51 17.69
C LEU A 266 13.60 -9.12 18.25
N PRO A 267 13.91 -9.42 19.52
CA PRO A 267 15.24 -9.05 20.05
C PRO A 267 16.39 -9.70 19.30
N LYS A 268 16.21 -10.95 18.89
CA LYS A 268 17.12 -11.73 18.06
C LYS A 268 16.30 -12.34 16.93
N PRO A 269 16.91 -12.59 15.78
CA PRO A 269 16.21 -13.38 14.76
C PRO A 269 15.90 -14.76 15.30
N LEU A 270 14.83 -15.36 14.78
CA LEU A 270 14.43 -16.71 15.15
C LEU A 270 14.87 -17.73 14.13
N THR A 271 15.21 -18.90 14.63
CA THR A 271 15.37 -20.09 13.80
C THR A 271 14.49 -21.15 14.42
N LEU A 272 13.47 -21.58 13.69
CA LEU A 272 12.56 -22.61 14.14
C LEU A 272 12.88 -23.89 13.38
N ARG A 273 12.96 -25.01 14.08
CA ARG A 273 13.24 -26.26 13.40
C ARG A 273 12.01 -27.16 13.38
N TRP A 274 11.76 -27.75 12.22
CA TRP A 274 10.69 -28.71 12.04
C TRP A 274 10.92 -29.99 12.87
N MET B 1 1.37 5.45 -21.34
CA MET B 1 0.27 4.69 -20.75
C MET B 1 0.75 3.23 -20.57
N ILE B 2 0.44 2.60 -19.43
CA ILE B 2 0.91 1.26 -19.13
C ILE B 2 -0.27 0.40 -18.69
N GLN B 3 -0.01 -0.90 -18.61
CA GLN B 3 -0.92 -1.87 -18.03
C GLN B 3 -0.12 -2.86 -17.19
N ARG B 4 -0.62 -3.17 -15.99
CA ARG B 4 -0.02 -4.19 -15.14
C ARG B 4 -1.14 -5.08 -14.59
N THR B 5 -0.95 -6.40 -14.64
CA THR B 5 -2.05 -7.23 -14.16
C THR B 5 -2.00 -7.36 -12.64
N PRO B 6 -3.16 -7.46 -11.99
CA PRO B 6 -3.17 -7.61 -10.52
C PRO B 6 -2.63 -8.95 -10.06
N LYS B 7 -1.99 -8.92 -8.90
CA LYS B 7 -1.73 -10.12 -8.12
C LYS B 7 -2.88 -10.27 -7.14
N ILE B 8 -3.27 -11.51 -6.86
CA ILE B 8 -4.39 -11.80 -5.99
C ILE B 8 -3.96 -12.76 -4.90
N GLN B 9 -4.27 -12.43 -3.65
CA GLN B 9 -4.19 -13.39 -2.55
C GLN B 9 -5.53 -13.40 -1.82
N VAL B 10 -6.03 -14.59 -1.51
CA VAL B 10 -7.27 -14.78 -0.76
C VAL B 10 -6.94 -15.54 0.51
N TYR B 11 -7.38 -15.02 1.65
CA TYR B 11 -6.90 -15.49 2.95
C TYR B 11 -7.79 -14.88 4.03
N SER B 12 -7.64 -15.41 5.24
CA SER B 12 -8.40 -14.97 6.39
C SER B 12 -7.54 -14.12 7.32
N ARG B 13 -8.19 -13.22 8.05
CA ARG B 13 -7.46 -12.36 8.99
C ARG B 13 -6.79 -13.18 10.07
N HIS B 14 -7.49 -14.19 10.58
CA HIS B 14 -7.04 -15.05 11.66
C HIS B 14 -7.04 -16.49 11.16
N PRO B 15 -6.22 -17.36 11.76
CA PRO B 15 -6.28 -18.78 11.40
C PRO B 15 -7.72 -19.27 11.45
N ALA B 16 -8.12 -20.00 10.42
CA ALA B 16 -9.50 -20.43 10.29
C ALA B 16 -9.87 -21.42 11.38
N GLU B 17 -11.01 -21.20 12.04
CA GLU B 17 -11.65 -22.19 12.88
C GLU B 17 -13.14 -22.22 12.57
N ASN B 18 -13.62 -23.38 12.14
CA ASN B 18 -15.02 -23.51 11.74
C ASN B 18 -15.94 -23.12 12.89
N GLY B 19 -17.01 -22.41 12.55
CA GLY B 19 -17.96 -21.92 13.52
C GLY B 19 -17.57 -20.65 14.24
N LYS B 20 -16.39 -20.08 13.96
CA LYS B 20 -15.87 -18.92 14.69
C LYS B 20 -15.77 -17.73 13.74
N SER B 21 -16.26 -16.57 14.18
CA SER B 21 -16.30 -15.40 13.32
C SER B 21 -14.89 -14.93 12.97
N ASN B 22 -14.74 -14.46 11.73
CA ASN B 22 -13.45 -14.17 11.12
C ASN B 22 -13.65 -13.14 10.02
N PHE B 23 -12.56 -12.78 9.34
CA PHE B 23 -12.64 -11.91 8.17
C PHE B 23 -12.03 -12.60 6.96
N LEU B 24 -12.69 -12.48 5.82
CA LEU B 24 -12.22 -13.04 4.57
C LEU B 24 -11.65 -11.92 3.72
N ASN B 25 -10.34 -11.99 3.45
CA ASN B 25 -9.64 -10.95 2.72
C ASN B 25 -9.36 -11.37 1.28
N CYS B 26 -9.46 -10.41 0.36
CA CYS B 26 -8.85 -10.54 -0.96
C CYS B 26 -7.96 -9.33 -1.18
N TYR B 27 -6.66 -9.58 -1.32
CA TYR B 27 -5.66 -8.53 -1.49
C TYR B 27 -5.23 -8.50 -2.95
N VAL B 28 -5.53 -7.40 -3.65
CA VAL B 28 -5.14 -7.21 -5.04
C VAL B 28 -4.05 -6.13 -5.07
N SER B 29 -2.97 -6.39 -5.79
CA SER B 29 -1.83 -5.48 -5.77
C SER B 29 -1.12 -5.51 -7.12
N GLY B 30 -0.22 -4.54 -7.30
CA GLY B 30 0.62 -4.49 -8.49
C GLY B 30 -0.09 -4.18 -9.79
N PHE B 31 -1.29 -3.61 -9.75
CA PHE B 31 -2.07 -3.39 -10.97
C PHE B 31 -2.08 -1.92 -11.36
N HIS B 32 -2.38 -1.69 -12.66
CA HIS B 32 -2.52 -0.35 -13.25
C HIS B 32 -3.24 -0.54 -14.59
N PRO B 33 -4.29 0.26 -14.89
CA PRO B 33 -4.82 1.41 -14.13
C PRO B 33 -5.61 0.98 -12.91
N SER B 34 -6.17 1.98 -12.21
CA SER B 34 -6.77 1.77 -10.89
C SER B 34 -8.16 1.14 -10.95
N ASP B 35 -8.85 1.22 -12.08
CA ASP B 35 -10.16 0.59 -12.25
C ASP B 35 -10.04 -0.92 -12.06
N ILE B 36 -10.74 -1.47 -11.07
CA ILE B 36 -10.72 -2.90 -10.81
C ILE B 36 -12.06 -3.32 -10.20
N GLU B 37 -12.49 -4.55 -10.52
CA GLU B 37 -13.66 -5.16 -9.89
C GLU B 37 -13.22 -6.35 -9.04
N VAL B 38 -13.61 -6.35 -7.76
CA VAL B 38 -13.29 -7.42 -6.83
C VAL B 38 -14.57 -7.80 -6.09
N ASP B 39 -14.98 -9.05 -6.26
CA ASP B 39 -16.11 -9.63 -5.54
C ASP B 39 -15.62 -10.81 -4.71
N LEU B 40 -16.20 -10.98 -3.51
CA LEU B 40 -15.98 -12.16 -2.69
C LEU B 40 -17.16 -13.10 -2.87
N LEU B 41 -16.88 -14.39 -3.03
CA LEU B 41 -17.88 -15.37 -3.43
C LEU B 41 -18.12 -16.38 -2.30
N LYS B 42 -19.40 -16.72 -2.09
CA LYS B 42 -19.78 -17.77 -1.14
C LYS B 42 -20.53 -18.85 -1.89
N ASN B 43 -19.95 -20.05 -1.92
CA ASN B 43 -20.40 -21.16 -2.75
C ASN B 43 -20.81 -20.66 -4.14
N GLY B 44 -20.01 -19.76 -4.71
CA GLY B 44 -20.23 -19.27 -6.05
C GLY B 44 -21.12 -18.03 -6.15
N GLU B 45 -21.71 -17.57 -5.06
CA GLU B 45 -22.57 -16.39 -5.09
C GLU B 45 -21.86 -15.21 -4.45
N ARG B 46 -22.18 -14.01 -4.93
CA ARG B 46 -21.44 -12.81 -4.58
C ARG B 46 -21.88 -12.30 -3.22
N ILE B 47 -20.94 -12.19 -2.28
CA ILE B 47 -21.23 -11.67 -0.94
C ILE B 47 -21.43 -10.16 -1.01
N GLU B 48 -22.52 -9.66 -0.41
CA GLU B 48 -22.88 -8.25 -0.59
C GLU B 48 -22.15 -7.30 0.36
N LYS B 49 -22.18 -7.57 1.67
CA LYS B 49 -21.38 -6.79 2.59
C LYS B 49 -19.89 -7.04 2.33
N VAL B 50 -19.27 -6.24 1.46
CA VAL B 50 -17.85 -6.34 1.18
C VAL B 50 -17.31 -4.91 1.10
N GLU B 51 -16.37 -4.57 1.97
CA GLU B 51 -15.74 -3.25 1.98
C GLU B 51 -14.29 -3.33 1.54
N HIS B 52 -13.70 -2.18 1.24
CA HIS B 52 -12.31 -2.16 0.78
C HIS B 52 -11.56 -1.01 1.44
N SER B 53 -10.25 -1.16 1.52
CA SER B 53 -9.38 -0.07 1.95
C SER B 53 -9.38 1.05 0.91
N ASP B 54 -8.82 2.20 1.29
CA ASP B 54 -8.65 3.32 0.36
C ASP B 54 -7.50 3.07 -0.59
N LEU B 55 -7.71 3.41 -1.86
CA LEU B 55 -6.72 3.25 -2.92
C LEU B 55 -5.37 3.85 -2.52
N SER B 56 -4.31 3.02 -2.56
CA SER B 56 -2.95 3.49 -2.33
C SER B 56 -2.04 2.78 -3.33
N PHE B 57 -0.75 3.10 -3.29
CA PHE B 57 0.15 2.56 -4.29
C PHE B 57 1.55 2.38 -3.74
N SER B 58 2.32 1.57 -4.44
CA SER B 58 3.65 1.12 -4.03
C SER B 58 4.73 1.98 -4.68
N LYS B 59 6.00 1.66 -4.38
CA LYS B 59 7.10 2.46 -4.90
C LYS B 59 7.10 2.50 -6.42
N ASP B 60 6.68 1.42 -7.07
CA ASP B 60 6.68 1.41 -8.53
C ASP B 60 5.40 2.03 -9.11
N TRP B 61 4.58 2.68 -8.30
CA TRP B 61 3.33 3.37 -8.65
C TRP B 61 2.15 2.40 -8.82
N SER B 62 2.37 1.09 -8.80
CA SER B 62 1.26 0.16 -8.97
C SER B 62 0.36 0.21 -7.73
N PHE B 63 -0.93 -0.03 -7.95
CA PHE B 63 -1.94 0.12 -6.90
C PHE B 63 -2.11 -1.14 -6.07
N TYR B 64 -2.66 -0.97 -4.87
CA TYR B 64 -3.11 -2.12 -4.07
C TYR B 64 -4.36 -1.73 -3.27
N LEU B 65 -5.19 -2.75 -3.00
CA LEU B 65 -6.48 -2.65 -2.32
C LEU B 65 -6.72 -3.95 -1.55
N LEU B 66 -7.25 -3.83 -0.33
CA LEU B 66 -7.73 -4.97 0.44
C LEU B 66 -9.26 -4.93 0.42
N TYR B 67 -9.87 -6.02 -0.06
CA TYR B 67 -11.31 -6.23 0.04
C TYR B 67 -11.57 -7.28 1.11
N TYR B 68 -12.59 -7.04 1.93
CA TYR B 68 -12.78 -7.92 3.08
C TYR B 68 -14.25 -7.96 3.49
N THR B 69 -14.61 -9.04 4.16
CA THR B 69 -15.96 -9.26 4.65
C THR B 69 -15.90 -10.16 5.87
N GLU B 70 -16.77 -9.88 6.84
CA GLU B 70 -16.91 -10.76 7.99
C GLU B 70 -17.53 -12.08 7.56
N PHE B 71 -16.92 -13.19 7.97
CA PHE B 71 -17.47 -14.50 7.63
C PHE B 71 -17.20 -15.47 8.77
N THR B 72 -17.94 -16.58 8.74
CA THR B 72 -17.72 -17.69 9.66
C THR B 72 -17.43 -18.94 8.86
N PRO B 73 -16.18 -19.40 8.81
CA PRO B 73 -15.87 -20.54 7.95
C PRO B 73 -16.52 -21.80 8.48
N THR B 74 -16.84 -22.70 7.56
CA THR B 74 -17.25 -24.05 7.91
C THR B 74 -16.41 -25.04 7.13
N GLU B 75 -16.59 -26.32 7.41
CA GLU B 75 -15.74 -27.30 6.76
C GLU B 75 -16.20 -27.58 5.33
N LYS B 76 -17.42 -27.17 4.97
CA LYS B 76 -17.98 -27.46 3.65
C LYS B 76 -18.22 -26.23 2.79
N ASP B 77 -18.36 -25.04 3.37
CA ASP B 77 -18.60 -23.86 2.55
C ASP B 77 -17.35 -23.47 1.78
N GLU B 78 -17.53 -23.15 0.50
CA GLU B 78 -16.43 -22.76 -0.38
C GLU B 78 -16.45 -21.25 -0.58
N TYR B 79 -15.29 -20.60 -0.40
CA TYR B 79 -15.18 -19.17 -0.61
C TYR B 79 -14.16 -18.89 -1.71
N ALA B 80 -14.31 -17.74 -2.35
CA ALA B 80 -13.42 -17.37 -3.44
C ALA B 80 -13.40 -15.85 -3.61
N CYS B 81 -12.41 -15.39 -4.38
CA CYS B 81 -12.31 -14.00 -4.79
C CYS B 81 -12.41 -13.95 -6.30
N ARG B 82 -13.27 -13.10 -6.82
CA ARG B 82 -13.44 -12.93 -8.25
C ARG B 82 -12.95 -11.54 -8.62
N VAL B 83 -11.99 -11.47 -9.55
CA VAL B 83 -11.31 -10.23 -9.90
C VAL B 83 -11.41 -10.00 -11.39
N ASN B 84 -11.87 -8.82 -11.79
CA ASN B 84 -11.74 -8.37 -13.16
C ASN B 84 -10.99 -7.05 -13.24
N HIS B 85 -10.32 -6.86 -14.37
CA HIS B 85 -9.41 -5.76 -14.64
C HIS B 85 -9.16 -5.78 -16.14
N VAL B 86 -8.80 -4.61 -16.68
CA VAL B 86 -8.66 -4.48 -18.13
C VAL B 86 -7.63 -5.46 -18.68
N THR B 87 -6.64 -5.84 -17.86
CA THR B 87 -5.58 -6.75 -18.30
C THR B 87 -5.99 -8.21 -18.26
N LEU B 88 -7.14 -8.54 -17.67
CA LEU B 88 -7.63 -9.91 -17.62
C LEU B 88 -8.68 -10.11 -18.70
N SER B 89 -8.52 -11.17 -19.49
CA SER B 89 -9.44 -11.41 -20.60
C SER B 89 -10.82 -11.83 -20.11
N GLN B 90 -10.89 -12.51 -18.99
CA GLN B 90 -12.10 -12.94 -18.31
C GLN B 90 -11.89 -12.74 -16.82
N PRO B 91 -12.96 -12.65 -16.04
CA PRO B 91 -12.77 -12.57 -14.59
C PRO B 91 -11.98 -13.77 -14.08
N LYS B 92 -11.08 -13.49 -13.14
CA LYS B 92 -10.22 -14.50 -12.55
C LYS B 92 -10.76 -14.83 -11.18
N ILE B 93 -10.90 -16.13 -10.90
CA ILE B 93 -11.43 -16.61 -9.62
C ILE B 93 -10.32 -17.37 -8.90
N VAL B 94 -10.03 -16.97 -7.68
CA VAL B 94 -9.04 -17.63 -6.83
C VAL B 94 -9.77 -18.17 -5.62
N LYS B 95 -9.78 -19.49 -5.47
CA LYS B 95 -10.48 -20.09 -4.34
C LYS B 95 -9.71 -19.85 -3.05
N TRP B 96 -10.44 -19.66 -1.96
CA TRP B 96 -9.81 -19.57 -0.64
C TRP B 96 -9.36 -20.95 -0.18
N ASP B 97 -8.06 -21.07 0.07
CA ASP B 97 -7.44 -22.26 0.65
C ASP B 97 -6.96 -21.87 2.05
N ARG B 98 -7.53 -22.50 3.07
CA ARG B 98 -7.15 -22.12 4.43
C ARG B 98 -5.69 -22.42 4.74
N ASP B 99 -4.99 -23.09 3.83
CA ASP B 99 -3.56 -23.37 3.97
C ASP B 99 -2.70 -22.46 3.11
N MET B 100 -3.33 -21.56 2.35
CA MET B 100 -2.70 -20.79 1.27
C MET B 100 -2.13 -21.72 0.15
N GLU C 1 0.43 16.38 8.36
CA GLU C 1 0.02 17.62 7.74
C GLU C 1 0.46 17.66 6.29
N VAL C 2 -0.49 17.85 5.38
CA VAL C 2 -0.20 17.86 3.95
C VAL C 2 0.50 19.15 3.54
N ASP C 3 1.06 19.14 2.34
CA ASP C 3 1.67 20.30 1.71
C ASP C 3 0.57 21.16 1.10
N ASN C 4 0.96 22.28 0.51
CA ASN C 4 0.05 23.21 -0.14
C ASN C 4 0.14 23.02 -1.65
N ALA C 5 -1.00 22.85 -2.32
CA ALA C 5 -1.02 22.69 -3.77
C ALA C 5 -1.51 23.94 -4.52
N THR C 6 -1.43 25.11 -3.91
CA THR C 6 -2.04 26.32 -4.48
C THR C 6 -1.03 27.31 -5.06
N ARG C 7 0.26 26.97 -5.15
CA ARG C 7 1.23 27.91 -5.71
C ARG C 7 1.59 27.51 -7.14
N PHE C 8 2.31 28.41 -7.83
CA PHE C 8 2.79 28.10 -9.18
C PHE C 8 3.65 26.84 -9.19
N ALA C 9 4.27 26.52 -8.05
CA ALA C 9 5.14 25.35 -7.90
C ALA C 9 4.40 24.03 -8.03
N SER C 10 3.07 24.02 -8.03
CA SER C 10 2.31 22.77 -8.21
C SER C 10 1.80 22.57 -9.62
N VAL C 11 2.00 23.52 -10.52
CA VAL C 11 1.39 23.49 -11.84
C VAL C 11 2.38 22.90 -12.83
N TYR C 12 1.94 21.89 -13.57
CA TYR C 12 2.79 21.29 -14.57
C TYR C 12 2.90 22.16 -15.82
#